data_9GC1
#
_entry.id   9GC1
#
_cell.length_a   74.098
_cell.length_b   74.098
_cell.length_c   49.509
_cell.angle_alpha   90.000
_cell.angle_beta   90.000
_cell.angle_gamma   90.000
#
_symmetry.space_group_name_H-M   'P 43'
#
loop_
_entity.id
_entity.type
_entity.pdbx_description
1 polymer Chymase
2 branched 2-acetamido-2-deoxy-beta-D-glucopyranose-(1-4)-2-acetamido-2-deoxy-beta-D-glucopyranose
3 non-polymer 2-acetamido-2-deoxy-beta-D-glucopyranose
4 non-polymer '1-(4-methoxyphenyl)-3-[[2-methyl-3-(trifluoromethyl)phenyl]methyl]-2,4-bis(oxidanylidene)pyrimidine-5-carboxylic acid'
5 non-polymer 'ZINC ION'
6 water water
#
_entity_poly.entity_id   1
_entity_poly.type   'polypeptide(L)'
_entity_poly.pdbx_seq_one_letter_code
;IIGGTECKPHSRPYMAYLEIVTSNGPSKFCGGFLIRRNFVLTAAHCAGRSITVTLGAHNITEEEDTWQKLEVIKQFRHPK
YNTSTLHHDIMLLKLKEKASLTLAVGTLPFPSQRNFVPPGRMCRVAGWGRTGVLKPGSDTLQEVKLRLMDPQACSHFRDF
DHNLQLCVGNPRKTKSAFKGDSGGPLLCAGAAQGIVSYGRSDAKPPAVFTRISHYQPWINQILQAN
;
_entity_poly.pdbx_strand_id   AAA
#
loop_
_chem_comp.id
_chem_comp.type
_chem_comp.name
_chem_comp.formula
A1IJO non-polymer '1-(4-methoxyphenyl)-3-[[2-methyl-3-(trifluoromethyl)phenyl]methyl]-2,4-bis(oxidanylidene)pyrimidine-5-carboxylic acid' 'C21 H17 F3 N2 O5'
NAG D-saccharide, beta linking 2-acetamido-2-deoxy-beta-D-glucopyranose 'C8 H15 N O6'
ZN non-polymer 'ZINC ION' 'Zn 2'
#
# COMPACT_ATOMS: atom_id res chain seq x y z
N ILE A 1 -1.92 -4.47 9.78
CA ILE A 1 -1.31 -3.47 10.69
C ILE A 1 -1.24 -4.09 12.08
N ILE A 2 -0.03 -4.16 12.61
CA ILE A 2 0.24 -4.65 13.94
C ILE A 2 0.40 -3.45 14.86
N GLY A 3 -0.34 -3.42 15.98
CA GLY A 3 -0.13 -2.40 17.00
C GLY A 3 -0.77 -1.06 16.65
N GLY A 4 -1.72 -1.05 15.72
CA GLY A 4 -2.40 0.18 15.32
C GLY A 4 -3.78 0.26 15.97
N THR A 5 -4.61 1.18 15.50
CA THR A 5 -5.97 1.34 16.01
C THR A 5 -6.95 1.34 14.85
N GLU A 6 -8.23 1.02 15.09
CA GLU A 6 -9.22 1.08 14.03
C GLU A 6 -9.43 2.54 13.61
N CYS A 7 -9.46 2.81 12.30
CA CYS A 7 -9.68 4.17 11.85
C CYS A 7 -11.14 4.55 12.04
N LYS A 8 -11.43 5.85 12.17
CA LYS A 8 -12.79 6.33 12.01
C LYS A 8 -13.23 5.98 10.58
N PRO A 9 -14.38 5.29 10.41
CA PRO A 9 -14.81 4.88 9.07
C PRO A 9 -14.75 6.01 8.05
N HIS A 10 -14.10 5.75 6.90
CA HIS A 10 -14.01 6.69 5.78
C HIS A 10 -13.12 7.89 6.07
N SER A 11 -12.32 7.86 7.15
CA SER A 11 -11.43 8.96 7.45
C SER A 11 -10.21 8.97 6.52
N ARG A 12 -10.02 7.91 5.73
CA ARG A 12 -8.89 7.83 4.80
C ARG A 12 -9.40 7.51 3.40
N PRO A 13 -10.03 8.50 2.75
CA PRO A 13 -10.92 8.24 1.63
C PRO A 13 -10.21 7.89 0.32
N TYR A 14 -8.89 8.03 0.30
CA TYR A 14 -8.05 7.60 -0.82
C TYR A 14 -7.72 6.10 -0.77
N MET A 15 -8.06 5.40 0.33
CA MET A 15 -7.54 4.07 0.56
C MET A 15 -8.28 3.10 -0.36
N ALA A 16 -7.50 2.20 -0.96
CA ALA A 16 -8.00 1.24 -1.93
C ALA A 16 -7.75 -0.17 -1.38
N TYR A 17 -8.74 -1.03 -1.51
CA TYR A 17 -8.59 -2.44 -1.17
C TYR A 17 -8.55 -3.24 -2.47
N LEU A 18 -7.48 -4.01 -2.65
CA LEU A 18 -7.19 -4.73 -3.87
C LEU A 18 -7.39 -6.22 -3.65
N GLU A 19 -8.21 -6.82 -4.50
CA GLU A 19 -8.36 -8.29 -4.52
C GLU A 19 -7.66 -8.75 -5.80
N ILE A 20 -6.59 -9.54 -5.66
CA ILE A 20 -5.76 -9.90 -6.84
C ILE A 20 -5.99 -11.36 -7.22
N VAL A 21 -6.26 -11.58 -8.51
CA VAL A 21 -6.48 -12.95 -9.03
C VAL A 21 -5.23 -13.49 -9.72
N THR A 22 -4.91 -14.76 -9.47
CA THR A 22 -3.81 -15.47 -10.18
C THR A 22 -4.44 -16.73 -10.78
N SER A 23 -3.86 -17.27 -11.86
CA SER A 23 -4.44 -18.43 -12.55
C SER A 23 -4.31 -19.74 -11.74
N ASN A 24 -3.31 -19.81 -10.82
CA ASN A 24 -2.88 -21.03 -10.14
C ASN A 24 -3.04 -20.98 -8.61
N GLY A 25 -3.69 -19.97 -8.04
CA GLY A 25 -3.94 -19.89 -6.62
C GLY A 25 -5.22 -19.11 -6.31
N PRO A 26 -5.74 -19.14 -5.05
CA PRO A 26 -6.90 -18.31 -4.69
C PRO A 26 -6.50 -16.84 -4.63
N SER A 27 -7.51 -16.00 -4.42
CA SER A 27 -7.29 -14.54 -4.38
C SER A 27 -6.33 -14.11 -3.27
N LYS A 28 -5.51 -13.09 -3.54
CA LYS A 28 -4.71 -12.43 -2.52
C LYS A 28 -5.11 -10.96 -2.45
N PHE A 29 -4.67 -10.28 -1.39
CA PHE A 29 -5.17 -8.95 -1.09
C PHE A 29 -3.99 -8.02 -0.83
N CYS A 30 -4.18 -6.75 -1.18
CA CYS A 30 -3.22 -5.68 -0.93
C CYS A 30 -4.01 -4.41 -0.63
N GLY A 31 -3.29 -3.39 -0.18
CA GLY A 31 -3.74 -2.02 -0.24
C GLY A 31 -3.23 -1.25 -1.47
N GLY A 32 -3.59 0.03 -1.49
CA GLY A 32 -3.28 0.96 -2.56
C GLY A 32 -3.95 2.28 -2.29
N PHE A 33 -3.76 3.25 -3.17
CA PHE A 33 -4.36 4.54 -2.93
C PHE A 33 -4.69 5.24 -4.22
N LEU A 34 -5.80 5.97 -4.18
CA LEU A 34 -6.32 6.63 -5.37
C LEU A 34 -5.57 7.95 -5.55
N ILE A 35 -4.81 8.05 -6.64
CA ILE A 35 -4.06 9.26 -6.93
C ILE A 35 -4.72 10.10 -8.01
N ARG A 36 -5.49 9.46 -8.90
CA ARG A 36 -6.35 10.15 -9.85
C ARG A 36 -7.68 9.43 -9.83
N ARG A 37 -8.75 10.01 -10.37
CA ARG A 37 -10.03 9.32 -10.27
C ARG A 37 -9.98 7.94 -10.94
N ASN A 38 -9.06 7.74 -11.92
CA ASN A 38 -8.96 6.44 -12.60
C ASN A 38 -7.58 5.77 -12.44
N PHE A 39 -6.78 6.19 -11.47
CA PHE A 39 -5.50 5.54 -11.20
C PHE A 39 -5.33 5.26 -9.70
N VAL A 40 -4.92 4.01 -9.40
CA VAL A 40 -4.51 3.60 -8.07
C VAL A 40 -3.03 3.24 -8.06
N LEU A 41 -2.31 3.72 -7.03
CA LEU A 41 -0.91 3.41 -6.86
C LEU A 41 -0.81 2.30 -5.83
N THR A 42 0.06 1.32 -6.06
CA THR A 42 0.26 0.22 -5.14
C THR A 42 1.67 -0.34 -5.36
N ALA A 43 1.93 -1.53 -4.82
CA ALA A 43 3.22 -2.17 -5.01
C ALA A 43 3.18 -3.13 -6.19
N ALA A 44 4.32 -3.27 -6.89
CA ALA A 44 4.44 -4.19 -8.02
C ALA A 44 4.19 -5.65 -7.62
N HIS A 45 4.55 -6.06 -6.40
CA HIS A 45 4.37 -7.44 -5.97
C HIS A 45 2.91 -7.78 -5.81
N CYS A 46 2.03 -6.77 -5.90
CA CYS A 46 0.59 -7.03 -5.87
C CYS A 46 0.01 -7.28 -7.28
N ALA A 47 0.85 -7.37 -8.30
CA ALA A 47 0.38 -7.66 -9.65
C ALA A 47 -0.23 -9.06 -9.73
N GLY A 48 -1.17 -9.22 -10.66
CA GLY A 48 -1.78 -10.54 -10.90
C GLY A 48 -2.36 -10.65 -12.31
N ARG A 49 -3.12 -11.70 -12.57
CA ARG A 49 -3.80 -11.85 -13.88
C ARG A 49 -4.87 -10.77 -13.99
N SER A 50 -5.55 -10.48 -12.87
CA SER A 50 -6.63 -9.46 -12.84
C SER A 50 -6.77 -8.87 -11.43
N ILE A 51 -7.21 -7.62 -11.32
CA ILE A 51 -7.36 -6.96 -10.04
C ILE A 51 -8.71 -6.26 -10.01
N THR A 52 -9.38 -6.32 -8.85
CA THR A 52 -10.51 -5.50 -8.52
C THR A 52 -10.15 -4.56 -7.37
N VAL A 53 -10.52 -3.30 -7.54
CA VAL A 53 -10.33 -2.28 -6.52
C VAL A 53 -11.66 -1.98 -5.85
N THR A 54 -11.65 -1.92 -4.50
CA THR A 54 -12.81 -1.47 -3.74
C THR A 54 -12.45 -0.17 -3.05
N LEU A 55 -13.10 0.91 -3.47
CA LEU A 55 -12.96 2.20 -2.82
C LEU A 55 -14.13 2.39 -1.85
N GLY A 56 -13.88 3.23 -0.82
CA GLY A 56 -14.92 3.64 0.13
C GLY A 56 -15.17 2.63 1.23
N ALA A 57 -14.24 1.66 1.41
CA ALA A 57 -14.43 0.62 2.40
C ALA A 57 -13.94 1.05 3.78
N HIS A 58 -14.62 0.51 4.80
CA HIS A 58 -14.06 0.46 6.15
C HIS A 58 -14.05 -0.99 6.60
N ASN A 59 -15.22 -1.53 6.92
CA ASN A 59 -15.36 -2.95 7.20
C ASN A 59 -15.53 -3.68 5.87
N ILE A 60 -14.45 -4.32 5.44
CA ILE A 60 -14.40 -4.84 4.09
C ILE A 60 -15.30 -6.06 3.92
N THR A 61 -15.94 -6.54 5.00
CA THR A 61 -16.84 -7.70 4.90
C THR A 61 -18.30 -7.28 4.82
N GLU A 62 -18.59 -5.97 4.87
CA GLU A 62 -19.96 -5.45 5.01
C GLU A 62 -20.15 -4.41 3.90
N GLU A 63 -20.76 -4.82 2.77
CA GLU A 63 -21.01 -3.95 1.63
C GLU A 63 -21.94 -2.79 2.02
N GLU A 64 -21.64 -1.60 1.53
CA GLU A 64 -22.37 -0.40 1.88
C GLU A 64 -22.37 0.59 0.72
N ASP A 65 -23.19 1.63 0.84
CA ASP A 65 -23.37 2.60 -0.22
C ASP A 65 -22.08 3.33 -0.57
N THR A 66 -21.16 3.51 0.38
CA THR A 66 -19.87 4.11 0.08
C THR A 66 -18.99 3.27 -0.87
N TRP A 67 -19.21 1.95 -0.92
CA TRP A 67 -18.38 1.09 -1.77
C TRP A 67 -18.50 1.48 -3.25
N GLN A 68 -17.34 1.46 -3.91
CA GLN A 68 -17.25 1.52 -5.35
C GLN A 68 -16.29 0.42 -5.74
N LYS A 69 -16.81 -0.69 -6.24
CA LYS A 69 -15.99 -1.79 -6.71
C LYS A 69 -15.69 -1.52 -8.17
N LEU A 70 -14.42 -1.35 -8.52
CA LEU A 70 -14.02 -0.86 -9.82
C LEU A 70 -13.11 -1.88 -10.50
N GLU A 71 -13.39 -2.12 -11.78
CA GLU A 71 -12.54 -2.94 -12.63
C GLU A 71 -11.24 -2.20 -12.95
N VAL A 72 -10.13 -2.95 -12.90
CA VAL A 72 -8.85 -2.49 -13.41
C VAL A 72 -8.68 -3.00 -14.85
N ILE A 73 -8.49 -2.08 -15.81
CA ILE A 73 -8.34 -2.44 -17.22
C ILE A 73 -6.91 -2.85 -17.53
N LYS A 74 -5.93 -2.20 -16.89
CA LYS A 74 -4.53 -2.45 -17.20
C LYS A 74 -3.67 -2.22 -15.94
N GLN A 75 -2.63 -3.04 -15.81
CA GLN A 75 -1.65 -2.94 -14.74
C GLN A 75 -0.36 -2.40 -15.33
N PHE A 76 0.21 -1.36 -14.69
CA PHE A 76 1.47 -0.79 -15.09
C PHE A 76 2.51 -1.00 -14.01
N ARG A 77 3.12 -2.17 -14.06
CA ARG A 77 4.18 -2.53 -13.13
C ARG A 77 5.46 -1.86 -13.62
N HIS A 78 6.24 -1.36 -12.67
CA HIS A 78 7.48 -0.71 -12.99
C HIS A 78 8.29 -1.67 -13.86
N PRO A 79 8.80 -1.22 -15.02
CA PRO A 79 9.52 -2.09 -15.93
C PRO A 79 10.84 -2.63 -15.41
N LYS A 80 11.43 -2.02 -14.38
CA LYS A 80 12.65 -2.54 -13.77
C LYS A 80 12.38 -3.29 -12.47
N TYR A 81 11.10 -3.47 -12.13
CA TYR A 81 10.76 -4.22 -10.94
C TYR A 81 11.49 -5.57 -10.91
N ASN A 82 12.05 -5.95 -9.75
CA ASN A 82 12.87 -7.14 -9.66
C ASN A 82 12.29 -8.05 -8.58
N THR A 83 11.96 -9.30 -8.94
CA THR A 83 11.12 -10.14 -8.08
C THR A 83 11.94 -10.78 -6.95
N SER A 84 13.27 -10.70 -7.06
CA SER A 84 14.20 -11.10 -6.03
C SER A 84 14.52 -9.98 -5.05
N THR A 85 15.07 -8.85 -5.53
CA THR A 85 15.54 -7.75 -4.68
C THR A 85 14.36 -6.90 -4.18
N LEU A 86 13.26 -6.97 -4.91
CA LEU A 86 12.09 -6.11 -4.79
C LEU A 86 12.46 -4.65 -5.00
N HIS A 87 13.55 -4.36 -5.71
CA HIS A 87 13.77 -3.01 -6.18
C HIS A 87 12.59 -2.59 -7.06
N HIS A 88 12.21 -1.32 -6.96
CA HIS A 88 11.27 -0.71 -7.87
C HIS A 88 9.91 -1.38 -7.67
N ASP A 89 9.50 -1.52 -6.40
CA ASP A 89 8.25 -2.17 -6.05
C ASP A 89 7.11 -1.16 -6.09
N ILE A 90 6.72 -0.80 -7.30
CA ILE A 90 5.70 0.22 -7.49
C ILE A 90 4.91 -0.12 -8.74
N MET A 91 3.59 0.11 -8.71
CA MET A 91 2.72 -0.22 -9.82
C MET A 91 1.54 0.74 -9.86
N LEU A 92 1.11 1.10 -11.08
CA LEU A 92 -0.10 1.89 -11.28
C LEU A 92 -1.18 1.03 -11.92
N LEU A 93 -2.41 1.14 -11.38
CA LEU A 93 -3.55 0.45 -11.92
C LEU A 93 -4.49 1.46 -12.54
N LYS A 94 -4.80 1.26 -13.81
CA LYS A 94 -5.76 2.12 -14.46
C LYS A 94 -7.13 1.49 -14.31
N LEU A 95 -8.08 2.31 -13.82
CA LEU A 95 -9.42 1.84 -13.61
C LEU A 95 -10.21 2.04 -14.91
N LYS A 96 -11.18 1.15 -15.12
CA LYS A 96 -12.04 1.14 -16.27
C LYS A 96 -12.75 2.49 -16.40
N GLU A 97 -13.24 3.01 -15.28
CA GLU A 97 -13.87 4.32 -15.32
C GLU A 97 -13.33 5.21 -14.19
N LYS A 98 -13.58 6.52 -14.30
CA LYS A 98 -13.24 7.42 -13.21
C LYS A 98 -14.18 7.12 -12.04
N ALA A 99 -13.61 7.03 -10.83
CA ALA A 99 -14.40 6.90 -9.61
C ALA A 99 -15.28 8.12 -9.36
N SER A 100 -16.36 7.90 -8.60
CA SER A 100 -17.16 9.00 -8.08
C SER A 100 -16.40 9.59 -6.89
N LEU A 101 -16.38 10.92 -6.80
CA LEU A 101 -15.94 11.65 -5.62
C LEU A 101 -17.10 11.70 -4.64
N THR A 102 -16.84 11.27 -3.41
CA THR A 102 -17.83 11.30 -2.35
C THR A 102 -17.13 11.70 -1.06
N LEU A 103 -17.85 11.82 0.05
CA LEU A 103 -17.17 12.04 1.31
C LEU A 103 -16.18 10.90 1.59
N ALA A 104 -16.56 9.67 1.24
CA ALA A 104 -15.82 8.46 1.57
C ALA A 104 -14.74 8.11 0.54
N VAL A 105 -14.74 8.76 -0.63
CA VAL A 105 -13.86 8.43 -1.73
C VAL A 105 -13.33 9.74 -2.32
N GLY A 106 -12.00 9.90 -2.29
CA GLY A 106 -11.33 11.01 -2.97
C GLY A 106 -9.86 10.66 -3.25
N THR A 107 -9.18 11.54 -3.98
CA THR A 107 -7.81 11.29 -4.39
C THR A 107 -6.88 11.87 -3.34
N LEU A 108 -5.65 11.38 -3.34
CA LEU A 108 -4.66 11.92 -2.45
C LEU A 108 -3.60 12.63 -3.31
N GLY A 120 13.96 10.78 11.09
CA GLY A 120 13.50 10.96 12.49
C GLY A 120 12.01 11.33 12.65
N ARG A 121 11.32 11.76 11.59
CA ARG A 121 9.92 12.19 11.73
C ARG A 121 8.98 10.99 11.81
N MET A 122 7.74 11.25 12.24
CA MET A 122 6.73 10.21 12.41
C MET A 122 5.81 10.21 11.19
N CYS A 123 5.44 9.03 10.72
CA CYS A 123 4.57 8.91 9.56
C CYS A 123 3.48 7.90 9.92
N ARG A 124 2.50 7.74 9.05
CA ARG A 124 1.39 6.87 9.38
C ARG A 124 1.07 5.97 8.19
N VAL A 125 0.71 4.73 8.49
CA VAL A 125 0.37 3.79 7.44
C VAL A 125 -0.93 3.09 7.83
N ALA A 126 -1.79 2.87 6.83
CA ALA A 126 -3.10 2.27 7.04
C ALA A 126 -3.27 1.03 6.16
N GLY A 127 -4.07 0.05 6.64
CA GLY A 127 -4.37 -1.12 5.82
C GLY A 127 -5.28 -2.12 6.50
N TRP A 128 -5.63 -3.15 5.72
CA TRP A 128 -6.53 -4.21 6.15
C TRP A 128 -5.71 -5.47 6.37
N GLY A 129 -4.39 -5.33 6.51
CA GLY A 129 -3.55 -6.50 6.68
C GLY A 129 -3.72 -7.16 8.05
N ARG A 130 -2.95 -8.24 8.22
CA ARG A 130 -2.95 -8.99 9.51
C ARG A 130 -2.56 -8.10 10.69
N THR A 131 -3.12 -8.39 11.86
CA THR A 131 -2.86 -7.61 13.09
C THR A 131 -1.83 -8.37 13.92
N GLY A 132 -1.29 -9.44 13.37
CA GLY A 132 -0.29 -10.26 14.05
C GLY A 132 0.27 -11.32 13.10
N VAL A 133 1.42 -11.88 13.44
CA VAL A 133 2.10 -12.88 12.56
C VAL A 133 1.14 -14.04 12.31
N LEU A 134 0.40 -14.45 13.33
CA LEU A 134 -0.47 -15.64 13.17
C LEU A 134 -1.94 -15.20 13.13
N LYS A 135 -2.18 -13.90 13.04
CA LYS A 135 -3.57 -13.39 13.08
C LYS A 135 -4.11 -13.21 11.65
N PRO A 136 -5.44 -13.32 11.47
CA PRO A 136 -6.03 -13.10 10.16
C PRO A 136 -6.05 -11.62 9.74
N GLY A 137 -6.34 -11.37 8.47
CA GLY A 137 -6.50 -9.98 8.00
C GLY A 137 -7.57 -9.26 8.79
N SER A 138 -7.46 -7.95 8.90
CA SER A 138 -8.38 -7.15 9.68
C SER A 138 -9.65 -6.92 8.87
N ASP A 139 -10.82 -7.01 9.51
CA ASP A 139 -12.06 -6.70 8.82
C ASP A 139 -12.11 -5.21 8.53
N THR A 140 -11.48 -4.41 9.42
CA THR A 140 -11.60 -2.96 9.37
C THR A 140 -10.26 -2.29 9.11
N LEU A 141 -10.32 -1.11 8.51
CA LEU A 141 -9.11 -0.36 8.22
C LEU A 141 -8.48 0.08 9.54
N GLN A 142 -7.20 -0.28 9.69
CA GLN A 142 -6.38 0.06 10.85
C GLN A 142 -5.29 1.02 10.41
N GLU A 143 -4.81 1.84 11.34
CA GLU A 143 -3.72 2.77 11.07
C GLU A 143 -2.69 2.69 12.21
N VAL A 144 -1.39 2.85 11.88
CA VAL A 144 -0.35 2.89 12.88
C VAL A 144 0.63 4.03 12.54
N LYS A 145 1.17 4.68 13.57
CA LYS A 145 2.22 5.66 13.37
C LYS A 145 3.55 4.96 13.57
N LEU A 146 4.47 5.16 12.62
CA LEU A 146 5.78 4.55 12.60
C LEU A 146 6.85 5.62 12.40
N ARG A 147 8.03 5.35 12.96
CA ARG A 147 9.14 6.27 12.82
C ARG A 147 9.95 5.98 11.56
N LEU A 148 10.29 7.06 10.85
CA LEU A 148 11.22 6.99 9.73
C LEU A 148 12.65 6.84 10.26
N MET A 149 13.32 5.74 9.90
CA MET A 149 14.61 5.42 10.46
C MET A 149 15.74 5.86 9.52
N ASP A 150 16.91 6.09 10.11
CA ASP A 150 18.14 6.20 9.35
C ASP A 150 18.35 4.92 8.56
N PRO A 151 18.91 4.99 7.35
CA PRO A 151 18.96 3.82 6.48
C PRO A 151 19.73 2.64 7.08
N GLN A 152 20.68 2.91 7.98
CA GLN A 152 21.48 1.84 8.56
C GLN A 152 20.63 0.91 9.42
N ALA A 153 19.47 1.38 9.90
CA ALA A 153 18.55 0.53 10.65
C ALA A 153 18.00 -0.61 9.79
N CYS A 154 18.01 -0.43 8.45
CA CYS A 154 17.56 -1.47 7.51
C CYS A 154 18.72 -2.22 6.82
N SER A 155 19.95 -2.12 7.32
CA SER A 155 21.09 -2.73 6.64
C SER A 155 20.94 -4.23 6.46
N HIS A 156 20.33 -4.85 7.46
CA HIS A 156 20.14 -6.28 7.47
C HIS A 156 19.31 -6.75 6.28
N PHE A 157 18.50 -5.88 5.66
CA PHE A 157 17.91 -6.24 4.38
C PHE A 157 18.98 -5.96 3.31
N ARG A 158 19.65 -7.01 2.79
CA ARG A 158 20.90 -6.81 2.07
C ARG A 158 20.71 -6.01 0.77
N ASP A 159 19.49 -6.01 0.22
CA ASP A 159 19.19 -5.32 -1.04
C ASP A 159 18.41 -4.02 -0.82
N PHE A 160 18.36 -3.55 0.43
CA PHE A 160 17.82 -2.23 0.75
C PHE A 160 18.75 -1.17 0.15
N ASP A 161 18.17 -0.13 -0.43
CA ASP A 161 18.94 0.99 -0.97
C ASP A 161 18.26 2.28 -0.54
N HIS A 162 19.03 3.11 0.16
CA HIS A 162 18.54 4.34 0.79
C HIS A 162 17.94 5.29 -0.24
N ASN A 163 18.47 5.30 -1.45
CA ASN A 163 17.94 6.16 -2.50
C ASN A 163 16.58 5.72 -3.02
N LEU A 164 16.31 4.41 -3.00
CA LEU A 164 15.11 3.86 -3.59
C LEU A 164 14.00 3.71 -2.55
N GLN A 165 14.37 3.63 -1.27
CA GLN A 165 13.50 3.07 -0.24
C GLN A 165 13.61 3.83 1.09
N LEU A 166 12.51 3.81 1.84
CA LEU A 166 12.47 4.28 3.21
C LEU A 166 12.58 3.09 4.15
N CYS A 167 13.21 3.38 5.28
CA CYS A 167 13.34 2.47 6.39
C CYS A 167 12.42 2.94 7.52
N VAL A 168 11.41 2.12 7.84
CA VAL A 168 10.22 2.57 8.56
C VAL A 168 9.95 1.67 9.75
N GLY A 169 9.94 2.29 10.94
CA GLY A 169 9.44 1.66 12.14
C GLY A 169 10.56 1.37 13.14
N ASN A 170 10.39 1.91 14.36
CA ASN A 170 11.37 1.77 15.43
C ASN A 170 11.49 0.30 15.83
N PRO A 171 12.72 -0.29 15.80
CA PRO A 171 12.91 -1.70 16.16
C PRO A 171 12.60 -2.01 17.62
N ARG A 172 12.48 -0.97 18.45
CA ARG A 172 12.15 -1.14 19.86
C ARG A 172 10.65 -1.29 20.11
N LYS A 173 9.81 -0.99 19.11
CA LYS A 173 8.37 -1.12 19.23
C LYS A 173 7.92 -2.31 18.38
N THR A 174 6.71 -2.83 18.59
CA THR A 174 6.20 -3.95 17.80
C THR A 174 5.35 -3.43 16.64
N LYS A 175 5.09 -2.11 16.63
CA LYS A 175 4.25 -1.47 15.64
C LYS A 175 4.84 -1.67 14.24
N SER A 176 3.98 -1.96 13.26
CA SER A 176 4.47 -2.30 11.93
C SER A 176 3.29 -2.56 11.00
N ALA A 177 3.47 -2.25 9.71
CA ALA A 177 2.71 -2.88 8.65
C ALA A 177 3.13 -4.35 8.53
N PHE A 178 2.26 -5.17 7.94
CA PHE A 178 2.51 -6.60 7.80
C PHE A 178 1.71 -7.13 6.60
N LYS A 179 1.59 -8.46 6.50
CA LYS A 179 1.06 -9.09 5.32
C LYS A 179 -0.35 -8.55 5.10
N GLY A 180 -0.64 -8.22 3.85
CA GLY A 180 -1.94 -7.68 3.46
C GLY A 180 -1.96 -6.15 3.38
N ASP A 181 -0.94 -5.51 3.95
CA ASP A 181 -0.80 -4.05 3.98
C ASP A 181 0.03 -3.53 2.80
N SER A 182 0.77 -4.43 2.13
CA SER A 182 1.43 -4.23 0.85
C SER A 182 0.68 -3.25 -0.02
N GLY A 183 1.44 -2.29 -0.59
CA GLY A 183 0.91 -1.37 -1.59
C GLY A 183 0.22 -0.13 -0.99
N GLY A 184 -0.12 -0.14 0.30
CA GLY A 184 -0.70 1.05 0.90
C GLY A 184 0.29 2.20 1.08
N PRO A 185 -0.20 3.45 1.18
CA PRO A 185 0.66 4.61 1.41
C PRO A 185 1.11 4.83 2.85
N LEU A 186 2.38 5.23 2.99
CA LEU A 186 2.91 5.85 4.20
C LEU A 186 2.81 7.37 4.02
N LEU A 187 2.07 8.01 4.92
CA LEU A 187 1.92 9.46 4.84
C LEU A 187 2.75 10.09 5.95
N CYS A 188 3.43 11.17 5.59
CA CYS A 188 4.22 11.98 6.52
C CYS A 188 3.73 13.41 6.37
N ALA A 189 3.16 13.96 7.45
CA ALA A 189 2.54 15.28 7.45
C ALA A 189 1.49 15.43 6.35
N GLY A 190 0.71 14.37 6.10
CA GLY A 190 -0.41 14.43 5.17
C GLY A 190 -0.05 14.19 3.70
N ALA A 191 1.24 13.92 3.39
CA ALA A 191 1.65 13.64 2.02
C ALA A 191 2.19 12.22 1.92
N ALA A 192 1.79 11.52 0.85
CA ALA A 192 2.30 10.20 0.57
C ALA A 192 3.80 10.27 0.26
N GLN A 193 4.59 9.44 0.97
CA GLN A 193 6.04 9.40 0.79
C GLN A 193 6.54 7.97 0.54
N GLY A 194 5.77 7.00 1.00
CA GLY A 194 6.17 5.61 0.83
C GLY A 194 5.02 4.71 0.41
N ILE A 195 5.42 3.52 -0.05
CA ILE A 195 4.50 2.42 -0.32
C ILE A 195 5.02 1.19 0.43
N VAL A 196 4.15 0.55 1.20
CA VAL A 196 4.49 -0.65 1.91
C VAL A 196 5.01 -1.68 0.90
N SER A 197 6.23 -2.19 1.15
CA SER A 197 6.88 -3.13 0.25
C SER A 197 7.21 -4.46 0.94
N TYR A 198 8.15 -4.51 1.91
CA TYR A 198 8.48 -5.80 2.50
C TYR A 198 9.10 -5.66 3.89
N GLY A 199 9.16 -6.78 4.59
CA GLY A 199 9.93 -6.89 5.81
C GLY A 199 10.13 -8.34 6.24
N ARG A 200 10.40 -8.48 7.53
CA ARG A 200 10.67 -9.80 8.12
C ARG A 200 9.40 -10.61 8.36
N SER A 201 9.52 -11.92 8.19
CA SER A 201 8.41 -12.83 8.45
C SER A 201 7.91 -12.77 9.89
N ASP A 202 8.79 -12.40 10.82
CA ASP A 202 8.45 -12.31 12.26
C ASP A 202 7.91 -10.91 12.60
N ALA A 203 7.82 -10.01 11.61
CA ALA A 203 7.23 -8.66 11.81
C ALA A 203 8.08 -7.75 12.70
N LYS A 204 9.31 -8.16 13.02
CA LYS A 204 10.24 -7.29 13.78
C LYS A 204 10.61 -6.08 12.90
N PRO A 205 10.26 -4.85 13.30
CA PRO A 205 10.62 -3.66 12.54
C PRO A 205 12.14 -3.38 12.59
N PRO A 206 12.70 -2.59 11.66
CA PRO A 206 11.91 -1.88 10.65
C PRO A 206 11.51 -2.64 9.38
N ALA A 207 10.60 -2.08 8.59
CA ALA A 207 10.27 -2.62 7.29
C ALA A 207 10.73 -1.65 6.20
N VAL A 208 10.67 -2.14 4.95
CA VAL A 208 11.14 -1.42 3.78
C VAL A 208 9.94 -0.93 3.00
N PHE A 209 9.93 0.38 2.72
CA PHE A 209 8.92 1.00 1.87
C PHE A 209 9.57 1.61 0.64
N THR A 210 8.87 1.50 -0.51
CA THR A 210 9.27 2.22 -1.70
C THR A 210 9.24 3.74 -1.46
N ARG A 211 10.30 4.43 -1.89
CA ARG A 211 10.40 5.89 -1.78
C ARG A 211 9.74 6.52 -3.01
N ILE A 212 8.50 7.02 -2.83
CA ILE A 212 7.70 7.50 -3.96
C ILE A 212 8.44 8.62 -4.72
N SER A 213 9.13 9.52 -4.02
CA SER A 213 9.77 10.66 -4.66
C SER A 213 10.66 10.22 -5.83
N HIS A 214 11.41 9.12 -5.62
CA HIS A 214 12.30 8.61 -6.64
C HIS A 214 11.52 8.25 -7.90
N TYR A 215 10.27 7.83 -7.75
CA TYR A 215 9.51 7.29 -8.88
C TYR A 215 8.61 8.33 -9.54
N GLN A 216 8.63 9.58 -9.06
CA GLN A 216 7.63 10.54 -9.51
C GLN A 216 7.73 10.80 -11.01
N PRO A 217 8.93 10.90 -11.63
CA PRO A 217 9.01 11.00 -13.09
C PRO A 217 8.34 9.84 -13.83
N TRP A 218 8.58 8.61 -13.36
CA TRP A 218 7.94 7.46 -13.97
C TRP A 218 6.43 7.52 -13.79
N ILE A 219 5.93 7.93 -12.60
CA ILE A 219 4.49 8.05 -12.37
C ILE A 219 3.86 9.03 -13.37
N ASN A 220 4.49 10.21 -13.59
CA ASN A 220 3.90 11.22 -14.47
C ASN A 220 3.92 10.72 -15.89
N GLN A 221 4.99 10.02 -16.27
CA GLN A 221 5.08 9.43 -17.59
C GLN A 221 3.88 8.54 -17.87
N ILE A 222 3.57 7.63 -16.91
CA ILE A 222 2.47 6.72 -17.12
C ILE A 222 1.17 7.50 -17.23
N LEU A 223 0.93 8.43 -16.30
CA LEU A 223 -0.34 9.14 -16.26
C LEU A 223 -0.57 9.85 -17.59
N GLN A 224 0.50 10.45 -18.11
CA GLN A 224 0.38 11.34 -19.26
C GLN A 224 0.13 10.50 -20.51
N ALA A 225 0.58 9.23 -20.53
CA ALA A 225 0.41 8.39 -21.69
C ALA A 225 -0.90 7.60 -21.66
N ASN A 226 -1.71 7.74 -20.59
CA ASN A 226 -2.89 6.91 -20.41
C ASN A 226 -4.05 7.73 -19.86
C1 NAG B . -17.59 -6.22 10.20
C2 NAG B . -17.67 -6.32 11.72
C3 NAG B . -17.97 -7.76 12.13
C4 NAG B . -19.23 -8.27 11.45
C5 NAG B . -19.20 -7.97 9.95
C6 NAG B . -20.54 -8.20 9.29
C7 NAG B . -16.27 -4.73 13.04
C8 NAG B . -17.25 -3.62 12.84
N2 NAG B . -16.44 -5.85 12.34
O3 NAG B . -18.11 -7.79 13.55
O4 NAG B . -19.34 -9.68 11.60
O5 NAG B . -18.86 -6.60 9.70
O6 NAG B . -20.40 -8.94 8.08
O7 NAG B . -15.29 -4.61 13.76
C1 NAG B . -20.29 -10.02 12.61
C2 NAG B . -20.84 -11.38 12.22
C3 NAG B . -21.50 -12.06 13.40
C4 NAG B . -20.58 -12.04 14.62
C5 NAG B . -20.21 -10.61 14.97
C6 NAG B . -19.19 -10.51 16.09
C7 NAG B . -21.42 -11.70 9.86
C8 NAG B . -22.40 -11.40 8.77
N2 NAG B . -21.75 -11.30 11.09
O3 NAG B . -21.79 -13.40 13.00
O4 NAG B . -21.26 -12.66 15.72
O5 NAG B . -19.58 -9.96 13.84
O6 NAG B . -19.00 -9.16 16.52
O7 NAG B . -20.35 -12.27 9.63
C1 NAG C . 17.17 -9.02 -10.29
C2 NAG C . 17.65 -9.25 -11.72
C3 NAG C . 18.75 -10.32 -11.74
C4 NAG C . 19.86 -9.96 -10.73
C5 NAG C . 19.20 -9.88 -9.35
C6 NAG C . 20.17 -9.64 -8.19
C7 NAG C . 16.03 -8.77 -13.49
C8 NAG C . 15.91 -9.30 -14.90
N2 NAG C . 16.54 -9.61 -12.59
O3 NAG C . 19.26 -10.48 -13.06
O4 NAG C . 20.91 -10.92 -10.73
O5 NAG C . 18.24 -8.79 -9.37
O6 NAG C . 20.77 -8.34 -8.19
O7 NAG C . 15.66 -7.64 -13.20
C4 A1IJO D . 5.54 -7.30 5.00
C5 A1IJO D . 6.00 -8.55 5.35
C6 A1IJO D . 6.75 -8.76 6.53
C7 A1IJO D . 5.74 -9.77 4.52
C10 A1IJO D . 8.05 -12.70 4.31
N12 A1IJO D . 8.97 -11.00 2.92
C13 A1IJO D . 10.03 -10.61 2.11
C15 A1IJO D . 11.05 -9.99 0.03
C17 A1IJO D . 12.36 -9.99 2.08
C20 A1IJO D . 12.96 -8.68 -1.18
C21 A1IJO D . 7.92 -10.13 3.27
C28 A1IJO D . 5.36 -4.87 5.46
C27 A1IJO D . 4.75 -7.04 3.73
C3 A1IJO D . 5.83 -6.24 5.87
F31 A1IJO D . 5.94 -4.71 4.26
F29 A1IJO D . 5.76 -3.97 6.35
F30 A1IJO D . 4.02 -4.79 5.31
C2 A1IJO D . 6.57 -6.44 7.04
C1 A1IJO D . 7.04 -7.71 7.40
N8 A1IJO D . 6.93 -10.58 4.15
O22 A1IJO D . 7.85 -9.00 2.87
C9 A1IJO D . 7.00 -11.87 4.67
O26 A1IJO D . 6.08 -12.21 5.42
C23 A1IJO D . 8.15 -14.18 4.79
O24 A1IJO D . 9.22 -14.76 4.49
O25 A1IJO D . 7.09 -14.76 5.24
C11 A1IJO D . 9.03 -12.26 3.45
C14 A1IJO D . 9.91 -10.39 0.74
C16 A1IJO D . 12.26 -9.78 0.71
O19 A1IJO D . 13.37 -9.36 0.04
C18 A1IJO D . 11.23 -10.40 2.78
ZN ZN E . -19.72 3.54 5.94
ZN ZN F . -6.90 6.16 10.73
#